data_3O74
#
_entry.id   3O74
#
_cell.length_a   37.309
_cell.length_b   118.506
_cell.length_c   61.834
_cell.angle_alpha   90.000
_cell.angle_beta   107.130
_cell.angle_gamma   90.000
#
_symmetry.space_group_name_H-M   'P 1 21 1'
#
loop_
_entity.id
_entity.type
_entity.pdbx_description
1 polymer 'Fructose transport system repressor FruR'
2 non-polymer GLYCEROL
3 water water
#
_entity_poly.entity_id   1
_entity_poly.type   'polypeptide(L)'
_entity_poly.pdbx_seq_one_letter_code
;HTRTLGFILPDLENPSYARIAKQLEQGARARGYQLLIASSDDQPDSERQLQQLFRARRCDALFVASCLPPEDDSYRELQD
KGLPVIAIDRRLDPAHFCSVISDDRDASRQLAASLLSSAPRSIALIGARPELSVSQARAGGFDEALQGYTGEVRRYQGEA
FSRECGQRL(MSE)QQLIDDLGGLPDALVTTSYVLLQGVFDTLQARPVDSRQLQLGTFGDNQLLDFLPLPVNA(MSE)AQ
QHGQIAATALELALAAIEEKRYEPGVHAVGRTFKQRISVA
;
_entity_poly.pdbx_strand_id   A,B
#
# COMPACT_ATOMS: atom_id res chain seq x y z
N HIS A 1 22.47 -18.58 -12.02
CA HIS A 1 21.59 -18.23 -10.91
C HIS A 1 21.69 -16.75 -10.55
N THR A 2 20.63 -16.00 -10.82
CA THR A 2 20.62 -14.57 -10.57
C THR A 2 20.34 -14.23 -9.10
N ARG A 3 19.81 -15.18 -8.38
CA ARG A 3 19.41 -14.96 -7.02
C ARG A 3 18.38 -13.85 -6.92
N THR A 4 17.49 -13.80 -7.88
CA THR A 4 16.43 -12.82 -7.85
C THR A 4 15.10 -13.44 -8.26
N LEU A 5 14.05 -13.06 -7.56
CA LEU A 5 12.71 -13.55 -7.87
C LEU A 5 11.88 -12.40 -8.42
N GLY A 6 10.94 -12.72 -9.31
CA GLY A 6 10.05 -11.73 -9.86
C GLY A 6 8.65 -11.86 -9.30
N PHE A 7 7.96 -10.74 -9.17
CA PHE A 7 6.58 -10.71 -8.74
C PHE A 7 5.74 -9.73 -9.56
N ILE A 8 4.85 -10.27 -10.35
CA ILE A 8 3.94 -9.48 -11.13
C ILE A 8 2.62 -9.43 -10.40
N LEU A 9 2.12 -8.24 -10.13
CA LEU A 9 0.89 -8.05 -9.39
C LEU A 9 -0.02 -7.02 -10.04
N PRO A 10 -1.29 -7.08 -9.73
CA PRO A 10 -2.28 -6.26 -10.39
C PRO A 10 -2.30 -4.82 -9.95
N ASP A 11 -2.07 -4.54 -8.68
CA ASP A 11 -2.31 -3.23 -8.13
C ASP A 11 -1.44 -2.96 -6.90
N LEU A 12 -0.51 -2.03 -7.05
CA LEU A 12 0.41 -1.67 -5.96
C LEU A 12 -0.34 -1.02 -4.79
N GLU A 13 -1.44 -0.35 -5.09
CA GLU A 13 -2.23 0.34 -4.08
C GLU A 13 -3.22 -0.57 -3.36
N ASN A 14 -3.36 -1.80 -3.84
CA ASN A 14 -4.17 -2.79 -3.13
C ASN A 14 -3.39 -3.34 -1.95
N PRO A 15 -3.83 -3.03 -0.72
CA PRO A 15 -3.11 -3.41 0.50
C PRO A 15 -2.82 -4.91 0.61
N SER A 16 -3.66 -5.74 0.01
CA SER A 16 -3.45 -7.18 0.06
C SER A 16 -2.19 -7.59 -0.70
N TYR A 17 -2.04 -7.03 -1.90
CA TYR A 17 -0.88 -7.34 -2.72
C TYR A 17 0.40 -6.73 -2.14
N ALA A 18 0.29 -5.51 -1.64
CA ALA A 18 1.44 -4.85 -1.02
C ALA A 18 1.95 -5.66 0.17
N ARG A 19 1.03 -6.20 0.95
CA ARG A 19 1.37 -6.99 2.12
C ARG A 19 2.09 -8.28 1.72
N ILE A 20 1.52 -9.02 0.77
CA ILE A 20 2.13 -10.24 0.28
C ILE A 20 3.49 -9.98 -0.35
N ALA A 21 3.60 -8.89 -1.09
CA ALA A 21 4.87 -8.53 -1.72
C ALA A 21 5.92 -8.25 -0.65
N LYS A 22 5.56 -7.50 0.35
CA LYS A 22 6.43 -7.18 1.45
C LYS A 22 6.90 -8.43 2.18
N GLN A 23 5.98 -9.33 2.43
CA GLN A 23 6.32 -10.58 3.11
C GLN A 23 7.23 -11.46 2.24
N LEU A 24 6.94 -11.48 0.94
CA LEU A 24 7.74 -12.25 0.00
C LEU A 24 9.16 -11.68 -0.07
N GLU A 25 9.26 -10.36 -0.12
CA GLU A 25 10.55 -9.69 -0.13
C GLU A 25 11.37 -10.09 1.10
N GLN A 26 10.75 -9.96 2.26
CA GLN A 26 11.38 -10.29 3.52
C GLN A 26 11.78 -11.76 3.59
N GLY A 27 10.93 -12.66 3.15
CA GLY A 27 11.21 -14.08 3.13
C GLY A 27 12.34 -14.44 2.17
N ALA A 28 12.27 -13.87 0.97
CA ALA A 28 13.27 -14.13 -0.06
C ALA A 28 14.67 -13.69 0.40
N ARG A 29 14.73 -12.52 1.05
CA ARG A 29 15.99 -11.98 1.51
C ARG A 29 16.69 -12.93 2.47
N ALA A 30 15.90 -13.57 3.34
CA ALA A 30 16.44 -14.50 4.34
C ALA A 30 17.02 -15.77 3.70
N ARG A 31 16.60 -16.07 2.48
CA ARG A 31 17.11 -17.23 1.76
C ARG A 31 18.16 -16.82 0.71
N GLY A 32 18.57 -15.56 0.75
CA GLY A 32 19.61 -15.07 -0.14
C GLY A 32 19.10 -14.56 -1.47
N TYR A 33 17.79 -14.33 -1.56
CA TYR A 33 17.18 -13.87 -2.80
C TYR A 33 16.67 -12.43 -2.74
N GLN A 34 16.71 -11.76 -3.89
CA GLN A 34 16.18 -10.42 -4.03
C GLN A 34 14.88 -10.48 -4.82
N LEU A 35 13.91 -9.67 -4.42
CA LEU A 35 12.62 -9.63 -5.10
C LEU A 35 12.40 -8.35 -5.90
N LEU A 36 12.12 -8.50 -7.18
CA LEU A 36 11.76 -7.37 -8.03
C LEU A 36 10.26 -7.41 -8.32
N ILE A 37 9.60 -6.27 -8.14
CA ILE A 37 8.15 -6.19 -8.24
C ILE A 37 7.73 -5.30 -9.40
N ALA A 38 6.68 -5.73 -10.11
CA ALA A 38 6.13 -4.94 -11.21
C ALA A 38 4.61 -5.04 -11.19
N SER A 39 3.95 -4.00 -11.72
CA SER A 39 2.48 -3.96 -11.73
C SER A 39 1.89 -3.95 -13.13
N SER A 40 0.80 -4.69 -13.30
CA SER A 40 0.14 -4.82 -14.60
C SER A 40 -1.07 -3.89 -14.73
N ASP A 41 -1.58 -3.42 -13.60
CA ASP A 41 -2.82 -2.64 -13.59
C ASP A 41 -4.01 -3.50 -14.01
N ASP A 42 -3.84 -4.82 -13.92
CA ASP A 42 -4.88 -5.74 -14.38
C ASP A 42 -5.16 -5.59 -15.88
N GLN A 43 -4.22 -4.96 -16.59
CA GLN A 43 -4.27 -4.84 -18.05
C GLN A 43 -3.48 -5.96 -18.70
N PRO A 44 -4.16 -6.80 -19.51
CA PRO A 44 -3.50 -7.95 -20.13
C PRO A 44 -2.26 -7.57 -20.94
N ASP A 45 -2.32 -6.47 -21.67
CA ASP A 45 -1.19 -6.05 -22.50
C ASP A 45 0.00 -5.58 -21.66
N SER A 46 -0.28 -4.88 -20.56
CA SER A 46 0.76 -4.47 -19.65
C SER A 46 1.44 -5.68 -19.03
N GLU A 47 0.64 -6.68 -18.66
CA GLU A 47 1.18 -7.90 -18.06
C GLU A 47 2.09 -8.65 -19.04
N ARG A 48 1.72 -8.64 -20.32
CA ARG A 48 2.50 -9.35 -21.33
C ARG A 48 3.87 -8.71 -21.54
N GLN A 49 3.91 -7.38 -21.51
CA GLN A 49 5.16 -6.66 -21.61
C GLN A 49 6.07 -7.01 -20.43
N LEU A 50 5.46 -7.15 -19.25
CA LEU A 50 6.20 -7.50 -18.03
C LEU A 50 6.76 -8.92 -18.11
N GLN A 51 6.07 -9.78 -18.84
CA GLN A 51 6.54 -11.15 -19.03
C GLN A 51 7.91 -11.14 -19.68
N GLN A 52 8.06 -10.33 -20.72
CA GLN A 52 9.34 -10.20 -21.43
C GLN A 52 10.43 -9.73 -20.49
N LEU A 53 10.05 -8.95 -19.49
CA LEU A 53 11.01 -8.34 -18.57
C LEU A 53 11.70 -9.38 -17.69
N PHE A 54 10.89 -10.14 -16.95
CA PHE A 54 11.42 -11.22 -16.11
C PHE A 54 11.83 -12.41 -16.98
N ARG A 55 11.53 -12.30 -18.26
CA ARG A 55 12.06 -13.23 -19.26
C ARG A 55 13.51 -12.87 -19.56
N ALA A 56 13.77 -11.58 -19.71
CA ALA A 56 15.11 -11.08 -20.01
C ALA A 56 16.00 -11.04 -18.77
N ARG A 57 15.46 -10.53 -17.67
CA ARG A 57 16.19 -10.47 -16.41
C ARG A 57 16.69 -11.84 -15.98
N ARG A 58 16.04 -12.87 -16.52
CA ARG A 58 16.36 -14.25 -16.15
C ARG A 58 16.29 -14.45 -14.64
N CYS A 59 15.17 -14.03 -14.04
CA CYS A 59 14.93 -14.29 -12.63
CA CYS A 59 14.94 -14.30 -12.63
C CYS A 59 14.82 -15.80 -12.42
N ASP A 60 15.18 -16.28 -11.25
CA ASP A 60 15.16 -17.71 -10.96
C ASP A 60 13.74 -18.28 -10.92
N ALA A 61 12.79 -17.47 -10.47
CA ALA A 61 11.40 -17.90 -10.39
C ALA A 61 10.47 -16.69 -10.44
N LEU A 62 9.28 -16.87 -11.01
CA LEU A 62 8.33 -15.78 -11.16
C LEU A 62 7.01 -16.03 -10.44
N PHE A 63 6.69 -15.15 -9.48
CA PHE A 63 5.38 -15.14 -8.84
C PHE A 63 4.48 -14.22 -9.65
N VAL A 64 3.19 -14.56 -9.74
CA VAL A 64 2.28 -13.76 -10.55
C VAL A 64 0.82 -13.88 -10.14
N ALA A 65 0.18 -12.73 -9.96
CA ALA A 65 -1.27 -12.65 -9.85
C ALA A 65 -1.79 -12.15 -11.18
N SER A 66 -2.18 -13.10 -12.04
CA SER A 66 -2.43 -12.79 -13.45
C SER A 66 -3.83 -12.26 -13.74
N CYS A 67 -3.96 -11.56 -14.86
CA CYS A 67 -5.24 -11.06 -15.32
C CYS A 67 -5.52 -11.57 -16.74
N LEU A 68 -4.70 -12.50 -17.19
CA LEU A 68 -4.82 -13.05 -18.54
C LEU A 68 -5.90 -14.13 -18.64
N PRO A 69 -6.55 -14.22 -19.81
CA PRO A 69 -7.58 -15.22 -20.09
C PRO A 69 -7.04 -16.64 -19.95
N PRO A 70 -7.92 -17.64 -19.83
CA PRO A 70 -7.49 -19.04 -19.75
C PRO A 70 -6.99 -19.52 -21.11
N GLU A 71 -7.42 -18.85 -22.18
CA GLU A 71 -6.99 -19.19 -23.53
C GLU A 71 -5.51 -18.83 -23.72
N ASP A 72 -5.07 -17.80 -23.01
CA ASP A 72 -3.67 -17.36 -23.09
C ASP A 72 -2.74 -18.44 -22.54
N ASP A 73 -1.76 -18.84 -23.34
CA ASP A 73 -0.81 -19.88 -22.95
C ASP A 73 0.60 -19.33 -22.77
N SER A 74 0.74 -18.02 -22.68
CA SER A 74 2.05 -17.38 -22.56
C SER A 74 2.83 -17.92 -21.36
N TYR A 75 2.15 -18.22 -20.26
CA TYR A 75 2.83 -18.76 -19.09
C TYR A 75 3.27 -20.19 -19.29
N ARG A 76 2.55 -20.93 -20.12
CA ARG A 76 2.92 -22.29 -20.49
C ARG A 76 4.29 -22.30 -21.17
N GLU A 77 4.45 -21.45 -22.18
CA GLU A 77 5.71 -21.35 -22.90
C GLU A 77 6.87 -21.03 -21.95
N LEU A 78 6.68 -20.00 -21.12
CA LEU A 78 7.70 -19.59 -20.17
C LEU A 78 8.09 -20.75 -19.25
N GLN A 79 7.11 -21.56 -18.87
CA GLN A 79 7.35 -22.71 -18.02
C GLN A 79 8.16 -23.79 -18.74
N ASP A 80 7.79 -24.06 -19.99
CA ASP A 80 8.48 -25.06 -20.79
C ASP A 80 9.95 -24.70 -20.98
N LYS A 81 10.24 -23.40 -21.00
CA LYS A 81 11.60 -22.92 -21.16
C LYS A 81 12.39 -23.01 -19.85
N GLY A 82 11.75 -23.54 -18.81
CA GLY A 82 12.45 -23.81 -17.56
C GLY A 82 12.24 -22.82 -16.43
N LEU A 83 11.35 -21.85 -16.63
CA LEU A 83 11.05 -20.88 -15.58
C LEU A 83 9.96 -21.37 -14.64
N PRO A 84 10.30 -21.53 -13.35
CA PRO A 84 9.28 -21.84 -12.35
C PRO A 84 8.29 -20.70 -12.22
N VAL A 85 7.03 -20.96 -12.52
CA VAL A 85 5.97 -19.95 -12.41
C VAL A 85 5.05 -20.32 -11.27
N ILE A 86 4.91 -19.43 -10.30
CA ILE A 86 4.06 -19.69 -9.14
C ILE A 86 2.93 -18.69 -9.05
N ALA A 87 1.70 -19.17 -9.17
CA ALA A 87 0.54 -18.30 -9.07
C ALA A 87 0.29 -17.91 -7.61
N ILE A 88 -0.13 -16.67 -7.41
CA ILE A 88 -0.51 -16.19 -6.08
C ILE A 88 -1.87 -15.52 -6.16
N ASP A 89 -2.75 -15.84 -5.22
CA ASP A 89 -4.09 -15.26 -5.13
C ASP A 89 -5.01 -15.66 -6.29
N ARG A 90 -4.54 -15.48 -7.51
CA ARG A 90 -5.30 -15.86 -8.70
C ARG A 90 -4.74 -17.12 -9.33
N ARG A 91 -5.45 -18.23 -9.15
CA ARG A 91 -4.94 -19.52 -9.59
C ARG A 91 -4.74 -19.61 -11.11
N LEU A 92 -3.68 -20.30 -11.51
CA LEU A 92 -3.48 -20.66 -12.91
C LEU A 92 -3.85 -22.13 -13.09
N ASP A 93 -3.90 -22.59 -14.34
CA ASP A 93 -4.31 -23.96 -14.64
C ASP A 93 -3.64 -24.98 -13.73
N PRO A 94 -4.42 -25.55 -12.79
CA PRO A 94 -3.88 -26.51 -11.81
C PRO A 94 -3.33 -27.78 -12.44
N ALA A 95 -3.55 -27.95 -13.74
CA ALA A 95 -3.00 -29.09 -14.46
C ALA A 95 -1.53 -28.90 -14.78
N HIS A 96 -1.12 -27.65 -14.93
CA HIS A 96 0.27 -27.33 -15.29
C HIS A 96 0.98 -26.44 -14.28
N PHE A 97 0.21 -25.66 -13.52
CA PHE A 97 0.81 -24.66 -12.64
C PHE A 97 0.53 -24.87 -11.16
N CYS A 98 1.49 -24.43 -10.35
CA CYS A 98 1.34 -24.42 -8.90
CA CYS A 98 1.33 -24.42 -8.90
C CYS A 98 0.79 -23.07 -8.47
N SER A 99 -0.25 -23.08 -7.64
CA SER A 99 -0.87 -21.83 -7.19
C SER A 99 -1.07 -21.81 -5.67
N VAL A 100 -0.77 -20.66 -5.07
CA VAL A 100 -1.05 -20.44 -3.66
C VAL A 100 -2.17 -19.41 -3.55
N ILE A 101 -3.34 -19.82 -3.07
CA ILE A 101 -4.48 -18.92 -3.00
C ILE A 101 -5.15 -18.95 -1.64
N SER A 102 -6.14 -18.08 -1.45
CA SER A 102 -6.91 -18.08 -0.22
C SER A 102 -8.18 -18.93 -0.36
N ASP A 103 -8.70 -19.37 0.78
CA ASP A 103 -9.90 -20.21 0.84
C ASP A 103 -11.15 -19.36 0.63
N ASP A 104 -11.25 -18.73 -0.54
CA ASP A 104 -12.26 -17.68 -0.75
C ASP A 104 -13.73 -18.10 -0.71
N ARG A 105 -14.07 -19.22 -1.33
CA ARG A 105 -15.47 -19.65 -1.32
C ARG A 105 -15.98 -19.82 0.10
N ASP A 106 -15.24 -20.59 0.90
CA ASP A 106 -15.62 -20.81 2.30
C ASP A 106 -15.67 -19.50 3.08
N ALA A 107 -14.67 -18.65 2.88
CA ALA A 107 -14.60 -17.37 3.59
C ALA A 107 -15.81 -16.51 3.25
N SER A 108 -16.20 -16.51 1.98
CA SER A 108 -17.32 -15.70 1.52
C SER A 108 -18.65 -16.22 2.08
N ARG A 109 -18.79 -17.53 2.15
CA ARG A 109 -19.95 -18.15 2.76
C ARG A 109 -20.11 -17.70 4.21
N GLN A 110 -19.05 -17.88 4.99
CA GLN A 110 -19.07 -17.49 6.40
C GLN A 110 -19.34 -16.00 6.57
N LEU A 111 -18.73 -15.18 5.72
CA LEU A 111 -18.89 -13.73 5.80
C LEU A 111 -20.35 -13.34 5.57
N ALA A 112 -20.95 -13.88 4.51
CA ALA A 112 -22.34 -13.58 4.19
C ALA A 112 -23.29 -14.08 5.27
N ALA A 113 -23.02 -15.28 5.78
CA ALA A 113 -23.85 -15.86 6.84
C ALA A 113 -23.85 -14.96 8.08
N SER A 114 -22.70 -14.37 8.38
CA SER A 114 -22.58 -13.51 9.55
C SER A 114 -23.52 -12.31 9.47
N LEU A 115 -23.74 -11.81 8.25
CA LEU A 115 -24.65 -10.69 8.02
C LEU A 115 -26.11 -11.14 8.02
N LEU A 116 -26.38 -12.30 7.44
CA LEU A 116 -27.74 -12.83 7.37
C LEU A 116 -28.29 -13.11 8.75
N SER A 117 -27.40 -13.47 9.68
CA SER A 117 -27.82 -13.84 11.03
C SER A 117 -28.51 -12.71 11.77
N SER A 118 -28.39 -11.49 11.26
CA SER A 118 -29.05 -10.33 11.87
C SER A 118 -30.39 -10.01 11.22
N ALA A 119 -30.84 -10.91 10.34
CA ALA A 119 -32.16 -10.79 9.70
C ALA A 119 -32.35 -9.52 8.88
N PRO A 120 -31.52 -9.33 7.84
CA PRO A 120 -31.68 -8.19 6.94
C PRO A 120 -32.86 -8.39 5.98
N ARG A 121 -33.49 -7.32 5.56
CA ARG A 121 -34.56 -7.39 4.62
C ARG A 121 -34.06 -7.37 3.22
N SER A 122 -32.81 -6.96 3.07
CA SER A 122 -32.15 -6.94 1.78
C SER A 122 -30.64 -7.14 1.98
N ILE A 123 -30.01 -7.79 1.02
CA ILE A 123 -28.57 -8.02 1.09
C ILE A 123 -27.99 -7.99 -0.33
N ALA A 124 -26.80 -7.41 -0.45
CA ALA A 124 -26.19 -7.24 -1.77
C ALA A 124 -24.74 -7.72 -1.79
N LEU A 125 -24.29 -8.05 -2.99
CA LEU A 125 -22.89 -8.38 -3.22
C LEU A 125 -22.33 -7.37 -4.19
N ILE A 126 -21.23 -6.73 -3.81
CA ILE A 126 -20.48 -5.88 -4.73
C ILE A 126 -19.12 -6.50 -5.00
N GLY A 127 -18.89 -6.81 -6.27
CA GLY A 127 -17.65 -7.45 -6.67
C GLY A 127 -17.19 -6.88 -8.00
N ALA A 128 -16.19 -7.52 -8.60
CA ALA A 128 -15.65 -7.06 -9.87
C ALA A 128 -14.98 -8.21 -10.63
N ARG A 129 -14.82 -8.05 -11.93
CA ARG A 129 -14.21 -9.06 -12.77
C ARG A 129 -14.74 -10.46 -12.60
N PRO A 130 -16.02 -10.59 -12.88
CA PRO A 130 -16.76 -11.83 -12.61
C PRO A 130 -16.16 -13.06 -13.28
N GLU A 131 -15.38 -12.87 -14.33
CA GLU A 131 -14.81 -14.00 -15.06
C GLU A 131 -13.70 -14.71 -14.28
N LEU A 132 -13.04 -13.99 -13.37
CA LEU A 132 -11.94 -14.56 -12.60
C LEU A 132 -12.40 -15.65 -11.64
N SER A 133 -11.58 -16.68 -11.49
CA SER A 133 -11.90 -17.77 -10.57
C SER A 133 -12.08 -17.23 -9.16
N VAL A 134 -11.25 -16.27 -8.78
CA VAL A 134 -11.34 -15.69 -7.44
C VAL A 134 -12.69 -15.02 -7.22
N SER A 135 -13.22 -14.41 -8.28
CA SER A 135 -14.52 -13.74 -8.18
C SER A 135 -15.67 -14.74 -8.18
N GLN A 136 -15.53 -15.81 -8.95
CA GLN A 136 -16.55 -16.87 -8.96
C GLN A 136 -16.62 -17.56 -7.62
N ALA A 137 -15.46 -17.75 -6.99
CA ALA A 137 -15.39 -18.37 -5.68
C ALA A 137 -16.09 -17.53 -4.62
N ARG A 138 -15.86 -16.22 -4.65
CA ARG A 138 -16.45 -15.33 -3.65
C ARG A 138 -17.94 -15.11 -3.90
N ALA A 139 -18.33 -15.01 -5.16
CA ALA A 139 -19.75 -14.89 -5.50
C ALA A 139 -20.49 -16.19 -5.18
N GLY A 140 -19.82 -17.31 -5.43
CA GLY A 140 -20.41 -18.61 -5.18
C GLY A 140 -20.67 -18.83 -3.70
N GLY A 141 -19.71 -18.46 -2.87
CA GLY A 141 -19.87 -18.58 -1.43
C GLY A 141 -21.01 -17.73 -0.93
N PHE A 142 -21.11 -16.52 -1.46
CA PHE A 142 -22.23 -15.63 -1.14
C PHE A 142 -23.56 -16.29 -1.47
N ASP A 143 -23.64 -16.90 -2.65
CA ASP A 143 -24.87 -17.57 -3.09
C ASP A 143 -25.24 -18.77 -2.22
N GLU A 144 -24.25 -19.56 -1.82
CA GLU A 144 -24.51 -20.72 -0.96
C GLU A 144 -25.11 -20.27 0.36
N ALA A 145 -24.55 -19.20 0.91
CA ALA A 145 -25.01 -18.67 2.19
C ALA A 145 -26.44 -18.18 2.12
N LEU A 146 -26.84 -17.66 0.95
CA LEU A 146 -28.18 -17.11 0.78
C LEU A 146 -29.25 -18.14 0.44
N GLN A 147 -28.86 -19.40 0.28
CA GLN A 147 -29.85 -20.44 0.00
C GLN A 147 -30.93 -20.40 1.07
N GLY A 148 -32.18 -20.32 0.65
CA GLY A 148 -33.32 -20.30 1.57
C GLY A 148 -33.73 -18.91 2.01
N TYR A 149 -32.87 -17.93 1.78
CA TYR A 149 -33.17 -16.54 2.12
C TYR A 149 -34.29 -15.99 1.25
N THR A 150 -35.24 -15.28 1.85
CA THR A 150 -36.43 -14.82 1.14
C THR A 150 -36.51 -13.30 0.99
N GLY A 151 -35.45 -12.60 1.40
CA GLY A 151 -35.41 -11.15 1.28
C GLY A 151 -34.91 -10.70 -0.08
N GLU A 152 -34.74 -9.39 -0.26
CA GLU A 152 -34.23 -8.86 -1.51
C GLU A 152 -32.74 -9.13 -1.67
N VAL A 153 -32.35 -9.59 -2.86
CA VAL A 153 -30.95 -9.85 -3.16
C VAL A 153 -30.52 -9.13 -4.42
N ARG A 154 -29.38 -8.45 -4.35
CA ARG A 154 -28.79 -7.79 -5.51
C ARG A 154 -27.34 -8.19 -5.67
N ARG A 155 -26.91 -8.39 -6.91
CA ARG A 155 -25.53 -8.73 -7.21
C ARG A 155 -24.99 -7.77 -8.25
N TYR A 156 -24.05 -6.93 -7.84
CA TYR A 156 -23.39 -6.02 -8.76
C TYR A 156 -21.93 -6.41 -8.93
N GLN A 157 -21.54 -6.72 -10.16
CA GLN A 157 -20.17 -7.07 -10.47
C GLN A 157 -19.61 -6.06 -11.46
N GLY A 158 -18.54 -5.39 -11.06
CA GLY A 158 -17.96 -4.33 -11.87
C GLY A 158 -16.83 -4.77 -12.79
N GLU A 159 -16.22 -3.78 -13.45
CA GLU A 159 -15.21 -4.02 -14.46
C GLU A 159 -13.79 -4.07 -13.88
N ALA A 160 -13.62 -3.57 -12.65
CA ALA A 160 -12.30 -3.55 -12.03
C ALA A 160 -12.37 -3.52 -10.50
N PHE A 161 -11.35 -4.09 -9.85
CA PHE A 161 -11.22 -3.95 -8.41
C PHE A 161 -10.60 -2.60 -8.11
N SER A 162 -11.42 -1.56 -8.18
CA SER A 162 -10.96 -0.21 -7.97
C SER A 162 -11.96 0.56 -7.13
N ARG A 163 -11.46 1.59 -6.48
CA ARG A 163 -12.29 2.43 -5.63
C ARG A 163 -13.41 3.07 -6.45
N GLU A 164 -13.11 3.50 -7.65
CA GLU A 164 -14.11 4.14 -8.47
C GLU A 164 -15.20 3.17 -8.92
N CYS A 165 -14.84 1.95 -9.18
CA CYS A 165 -15.82 0.94 -9.54
CA CYS A 165 -15.82 0.93 -9.53
C CYS A 165 -16.75 0.66 -8.35
N GLY A 166 -16.17 0.54 -7.16
CA GLY A 166 -16.94 0.31 -5.95
C GLY A 166 -17.95 1.43 -5.75
N GLN A 167 -17.51 2.66 -6.00
CA GLN A 167 -18.36 3.83 -5.83
C GLN A 167 -19.53 3.79 -6.81
N ARG A 168 -19.23 3.49 -8.08
CA ARG A 168 -20.27 3.43 -9.11
C ARG A 168 -21.28 2.34 -8.77
N LEU A 169 -20.78 1.19 -8.34
CA LEU A 169 -21.65 0.06 -8.04
C LEU A 169 -22.57 0.35 -6.85
N GLN A 171 -23.57 3.28 -5.96
CA GLN A 171 -24.55 4.24 -6.45
C GLN A 171 -25.71 3.53 -7.16
N GLN A 172 -25.39 2.60 -8.05
CA GLN A 172 -26.41 1.85 -8.78
C GLN A 172 -27.27 1.02 -7.82
N LEU A 173 -26.64 0.44 -6.82
CA LEU A 173 -27.35 -0.38 -5.84
C LEU A 173 -28.36 0.44 -5.06
N ILE A 174 -27.93 1.62 -4.61
CA ILE A 174 -28.80 2.49 -3.82
C ILE A 174 -29.97 3.00 -4.65
N ASP A 175 -29.71 3.31 -5.92
CA ASP A 175 -30.77 3.72 -6.84
C ASP A 175 -31.72 2.55 -7.08
N ASP A 176 -31.16 1.35 -7.17
CA ASP A 176 -31.92 0.12 -7.39
C ASP A 176 -32.89 -0.13 -6.23
N LEU A 177 -32.36 -0.16 -5.01
CA LEU A 177 -33.16 -0.45 -3.81
C LEU A 177 -33.94 0.75 -3.30
N GLY A 178 -33.64 1.94 -3.81
CA GLY A 178 -34.27 3.16 -3.32
C GLY A 178 -33.77 3.50 -1.93
N GLY A 179 -32.55 3.06 -1.62
CA GLY A 179 -31.96 3.29 -0.32
C GLY A 179 -30.82 2.33 -0.06
N LEU A 180 -30.24 2.40 1.13
CA LEU A 180 -29.16 1.51 1.52
C LEU A 180 -29.68 0.08 1.68
N PRO A 181 -28.88 -0.92 1.27
CA PRO A 181 -29.26 -2.30 1.58
C PRO A 181 -29.04 -2.51 3.07
N ASP A 182 -29.79 -3.42 3.68
CA ASP A 182 -29.62 -3.72 5.09
C ASP A 182 -28.25 -4.31 5.34
N ALA A 183 -27.76 -5.07 4.36
CA ALA A 183 -26.49 -5.79 4.50
C ALA A 183 -25.75 -5.79 3.19
N LEU A 184 -24.42 -5.80 3.26
CA LEU A 184 -23.61 -5.71 2.06
C LEU A 184 -22.29 -6.44 2.22
N VAL A 185 -21.94 -7.22 1.22
CA VAL A 185 -20.65 -7.88 1.16
C VAL A 185 -19.88 -7.34 -0.03
N THR A 186 -18.65 -6.89 0.20
CA THR A 186 -17.77 -6.51 -0.90
C THR A 186 -16.69 -7.57 -1.03
N THR A 187 -16.36 -7.94 -2.27
CA THR A 187 -15.38 -9.01 -2.50
C THR A 187 -13.93 -8.51 -2.43
N SER A 188 -13.74 -7.23 -2.17
CA SER A 188 -12.39 -6.66 -2.10
C SER A 188 -12.41 -5.37 -1.30
N TYR A 189 -11.43 -5.20 -0.43
CA TYR A 189 -11.39 -3.99 0.37
C TYR A 189 -11.31 -2.75 -0.53
N VAL A 190 -10.68 -2.90 -1.69
CA VAL A 190 -10.56 -1.77 -2.60
C VAL A 190 -11.94 -1.30 -3.09
N LEU A 191 -12.85 -2.24 -3.30
CA LEU A 191 -14.22 -1.89 -3.67
C LEU A 191 -14.92 -1.23 -2.49
N LEU A 192 -14.64 -1.72 -1.29
CA LEU A 192 -15.22 -1.13 -0.09
C LEU A 192 -14.85 0.35 0.07
N GLN A 193 -13.64 0.71 -0.35
CA GLN A 193 -13.23 2.10 -0.28
C GLN A 193 -14.21 2.99 -1.06
N GLY A 194 -14.61 2.52 -2.24
CA GLY A 194 -15.56 3.25 -3.06
C GLY A 194 -16.94 3.28 -2.45
N VAL A 195 -17.31 2.20 -1.75
CA VAL A 195 -18.56 2.18 -1.02
C VAL A 195 -18.54 3.24 0.08
N PHE A 196 -17.41 3.34 0.78
CA PHE A 196 -17.25 4.36 1.82
C PHE A 196 -17.35 5.78 1.26
N ASP A 197 -16.89 5.98 0.04
CA ASP A 197 -17.00 7.29 -0.59
C ASP A 197 -18.47 7.69 -0.76
N THR A 198 -19.28 6.73 -1.16
CA THR A 198 -20.70 6.97 -1.37
C THR A 198 -21.44 7.21 -0.05
N LEU A 199 -21.09 6.46 0.99
CA LEU A 199 -21.70 6.64 2.30
C LEU A 199 -21.35 8.01 2.88
N GLN A 200 -20.14 8.46 2.56
CA GLN A 200 -19.62 9.71 3.11
C GLN A 200 -20.45 10.92 2.68
N ALA A 201 -21.04 10.81 1.49
CA ALA A 201 -21.86 11.88 0.92
C ALA A 201 -23.24 11.96 1.58
N ARG A 202 -23.65 10.88 2.24
CA ARG A 202 -24.94 10.81 2.92
C ARG A 202 -24.84 11.43 4.31
N PRO A 203 -25.99 11.87 4.87
CA PRO A 203 -26.02 12.37 6.24
C PRO A 203 -25.43 11.36 7.21
N VAL A 204 -24.84 11.83 8.30
CA VAL A 204 -24.18 10.95 9.26
C VAL A 204 -25.12 9.89 9.82
N ASP A 205 -26.41 10.22 9.89
CA ASP A 205 -27.42 9.32 10.43
C ASP A 205 -27.91 8.32 9.41
N SER A 206 -27.42 8.46 8.17
CA SER A 206 -27.89 7.62 7.08
C SER A 206 -26.77 6.75 6.52
N ARG A 207 -25.90 6.25 7.39
CA ARG A 207 -24.78 5.43 6.96
C ARG A 207 -24.76 4.03 7.58
N GLN A 208 -25.80 3.70 8.34
CA GLN A 208 -25.82 2.42 9.03
C GLN A 208 -26.28 1.26 8.15
N LEU A 209 -25.47 0.20 8.12
CA LEU A 209 -25.84 -1.05 7.47
C LEU A 209 -24.85 -2.14 7.89
N GLN A 210 -25.28 -3.39 7.82
CA GLN A 210 -24.42 -4.53 8.11
C GLN A 210 -23.40 -4.66 6.97
N LEU A 211 -22.13 -4.66 7.31
CA LEU A 211 -21.09 -4.58 6.31
C LEU A 211 -20.05 -5.67 6.50
N GLY A 212 -19.70 -6.33 5.40
CA GLY A 212 -18.68 -7.37 5.42
C GLY A 212 -17.78 -7.23 4.22
N THR A 213 -16.50 -7.54 4.38
CA THR A 213 -15.57 -7.37 3.28
C THR A 213 -14.42 -8.36 3.30
N PHE A 214 -13.87 -8.62 2.12
CA PHE A 214 -12.58 -9.27 2.01
C PHE A 214 -11.52 -8.19 2.22
N GLY A 215 -10.36 -8.58 2.76
CA GLY A 215 -9.35 -7.61 3.14
C GLY A 215 -9.67 -7.00 4.49
N ASP A 216 -8.86 -6.03 4.90
CA ASP A 216 -9.00 -5.43 6.22
C ASP A 216 -8.23 -4.12 6.32
N ASN A 217 -8.50 -3.34 7.36
CA ASN A 217 -7.78 -2.09 7.63
C ASN A 217 -7.85 -1.77 9.11
N GLN A 218 -6.78 -1.20 9.65
CA GLN A 218 -6.72 -0.91 11.07
C GLN A 218 -7.89 -0.06 11.54
N LEU A 219 -8.19 1.00 10.80
CA LEU A 219 -9.20 1.97 11.24
C LEU A 219 -10.57 1.33 11.40
N LEU A 220 -10.81 0.22 10.69
CA LEU A 220 -12.05 -0.54 10.85
C LEU A 220 -12.36 -0.80 12.33
N ASP A 221 -11.32 -0.86 13.17
CA ASP A 221 -11.51 -1.05 14.60
C ASP A 221 -12.11 0.18 15.28
N PHE A 222 -11.87 1.36 14.70
CA PHE A 222 -12.24 2.61 15.34
C PHE A 222 -13.56 3.22 14.85
N LEU A 223 -14.06 2.74 13.71
CA LEU A 223 -15.30 3.27 13.16
C LEU A 223 -16.50 2.98 14.05
N PRO A 224 -17.38 3.98 14.21
CA PRO A 224 -18.65 3.75 14.91
C PRO A 224 -19.44 2.63 14.21
N LEU A 225 -19.10 2.38 12.95
CA LEU A 225 -19.72 1.30 12.19
C LEU A 225 -18.81 0.08 12.10
N PRO A 226 -19.20 -1.02 12.76
CA PRO A 226 -18.40 -2.25 12.73
C PRO A 226 -18.45 -2.91 11.36
N VAL A 227 -17.31 -3.39 10.88
CA VAL A 227 -17.25 -4.09 9.60
C VAL A 227 -16.62 -5.46 9.78
N ASN A 228 -17.37 -6.51 9.44
CA ASN A 228 -16.80 -7.86 9.41
C ASN A 228 -15.81 -7.97 8.27
N ALA A 229 -14.66 -8.56 8.53
CA ALA A 229 -13.63 -8.65 7.51
C ALA A 229 -12.98 -10.02 7.47
N ALA A 231 -9.67 -11.26 6.54
CA ALA A 231 -8.29 -10.89 6.22
C ALA A 231 -7.51 -12.07 5.65
N GLN A 232 -6.68 -11.78 4.66
CA GLN A 232 -5.78 -12.76 4.07
C GLN A 232 -4.64 -13.04 5.05
N GLN A 233 -4.21 -14.29 5.13
CA GLN A 233 -3.02 -14.63 5.91
C GLN A 233 -1.78 -14.38 5.07
N HIS A 234 -1.41 -13.12 4.92
CA HIS A 234 -0.34 -12.70 4.00
C HIS A 234 0.98 -13.43 4.23
N GLY A 235 1.37 -13.60 5.49
CA GLY A 235 2.60 -14.29 5.82
C GLY A 235 2.62 -15.73 5.38
N GLN A 236 1.54 -16.45 5.66
CA GLN A 236 1.47 -17.87 5.29
C GLN A 236 1.51 -18.05 3.77
N ILE A 237 0.77 -17.23 3.06
CA ILE A 237 0.75 -17.27 1.61
C ILE A 237 2.15 -17.05 1.03
N ALA A 238 2.87 -16.10 1.61
CA ALA A 238 4.21 -15.78 1.14
C ALA A 238 5.17 -16.93 1.38
N ALA A 239 5.12 -17.47 2.60
CA ALA A 239 5.97 -18.59 2.99
C ALA A 239 5.74 -19.81 2.11
N THR A 240 4.47 -20.15 1.89
CA THR A 240 4.14 -21.30 1.05
C THR A 240 4.59 -21.07 -0.38
N ALA A 241 4.29 -19.89 -0.91
CA ALA A 241 4.68 -19.54 -2.27
C ALA A 241 6.19 -19.55 -2.42
N LEU A 242 6.88 -19.11 -1.38
CA LEU A 242 8.33 -19.08 -1.37
C LEU A 242 8.90 -20.49 -1.33
N GLU A 243 8.36 -21.31 -0.44
CA GLU A 243 8.81 -22.68 -0.31
C GLU A 243 8.75 -23.39 -1.67
N LEU A 244 7.63 -23.20 -2.37
CA LEU A 244 7.43 -23.83 -3.68
C LEU A 244 8.41 -23.30 -4.72
N ALA A 245 8.79 -22.02 -4.58
CA ALA A 245 9.72 -21.40 -5.53
C ALA A 245 11.12 -22.00 -5.41
N LEU A 246 11.62 -22.04 -4.18
CA LEU A 246 12.97 -22.53 -3.92
C LEU A 246 13.09 -24.03 -4.22
N ALA A 247 12.06 -24.79 -3.86
CA ALA A 247 12.06 -26.23 -4.13
C ALA A 247 12.18 -26.49 -5.62
N ALA A 248 11.63 -25.57 -6.42
CA ALA A 248 11.71 -25.66 -7.87
C ALA A 248 13.11 -25.27 -8.37
N ILE A 249 13.59 -24.11 -7.93
CA ILE A 249 14.89 -23.60 -8.35
C ILE A 249 16.03 -24.53 -7.97
N GLU A 250 16.03 -24.97 -6.72
CA GLU A 250 17.17 -25.68 -6.17
C GLU A 250 17.08 -27.21 -6.28
N GLU A 251 15.86 -27.74 -6.21
CA GLU A 251 15.66 -29.19 -6.27
C GLU A 251 14.89 -29.65 -7.51
N LYS A 252 14.65 -28.72 -8.43
CA LYS A 252 13.97 -29.01 -9.69
C LYS A 252 12.57 -29.61 -9.56
N ARG A 253 12.11 -29.86 -8.34
CA ARG A 253 10.76 -30.41 -8.16
C ARG A 253 9.68 -29.34 -8.27
N TYR A 254 8.67 -29.62 -9.08
CA TYR A 254 7.57 -28.69 -9.32
C TYR A 254 6.28 -29.50 -9.50
N GLU A 255 5.38 -29.37 -8.54
CA GLU A 255 4.17 -30.18 -8.54
C GLU A 255 2.92 -29.30 -8.64
N PRO A 256 2.24 -29.35 -9.79
CA PRO A 256 1.04 -28.55 -10.09
C PRO A 256 -0.07 -28.78 -9.08
N GLY A 257 -1.00 -27.84 -9.01
CA GLY A 257 -2.10 -27.96 -8.07
C GLY A 257 -2.31 -26.66 -7.30
N VAL A 258 -3.32 -26.67 -6.43
CA VAL A 258 -3.68 -25.48 -5.67
C VAL A 258 -3.44 -25.66 -4.18
N HIS A 259 -2.71 -24.72 -3.58
CA HIS A 259 -2.53 -24.69 -2.14
C HIS A 259 -3.38 -23.58 -1.54
N ALA A 260 -4.50 -23.97 -0.91
CA ALA A 260 -5.41 -22.99 -0.31
C ALA A 260 -5.01 -22.67 1.13
N VAL A 261 -5.02 -21.38 1.45
CA VAL A 261 -4.76 -20.92 2.80
C VAL A 261 -5.98 -20.20 3.32
N GLY A 262 -6.45 -20.58 4.51
CA GLY A 262 -7.65 -20.00 5.08
C GLY A 262 -7.50 -18.53 5.42
N ARG A 263 -8.63 -17.83 5.47
CA ARG A 263 -8.62 -16.42 5.86
C ARG A 263 -8.93 -16.24 7.34
N THR A 264 -8.55 -15.08 7.88
CA THR A 264 -8.80 -14.74 9.28
C THR A 264 -10.05 -13.88 9.41
N PHE A 265 -11.04 -14.39 10.14
CA PHE A 265 -12.31 -13.70 10.30
C PHE A 265 -12.28 -12.66 11.42
N LYS A 266 -12.40 -11.39 11.05
CA LYS A 266 -12.57 -10.31 12.02
C LYS A 266 -14.05 -10.03 12.20
N GLN A 267 -14.67 -10.64 13.21
CA GLN A 267 -16.09 -10.46 13.43
C GLN A 267 -16.35 -9.28 14.36
N ARG A 268 -16.43 -8.08 13.79
CA ARG A 268 -16.61 -6.86 14.56
C ARG A 268 -18.07 -6.60 14.88
N ILE A 269 -18.96 -7.18 14.09
CA ILE A 269 -20.40 -7.03 14.32
C ILE A 269 -20.88 -7.99 15.40
N SER A 270 -21.39 -7.44 16.50
CA SER A 270 -21.84 -8.24 17.63
C SER A 270 -22.92 -9.23 17.22
N HIS B 1 21.42 -0.09 -22.98
CA HIS B 1 20.08 0.38 -22.64
C HIS B 1 19.09 -0.78 -22.46
N THR B 2 18.25 -0.68 -21.43
CA THR B 2 17.29 -1.73 -21.12
C THR B 2 15.85 -1.24 -21.21
N ARG B 3 15.70 0.09 -21.28
CA ARG B 3 14.38 0.71 -21.23
C ARG B 3 13.60 0.25 -20.01
N THR B 4 14.30 0.10 -18.91
CA THR B 4 13.68 -0.18 -17.62
C THR B 4 14.22 0.83 -16.62
N LEU B 5 13.35 1.22 -15.69
CA LEU B 5 13.73 2.13 -14.62
C LEU B 5 13.57 1.38 -13.29
N GLY B 6 14.45 1.65 -12.34
CA GLY B 6 14.34 1.05 -11.03
C GLY B 6 13.81 2.03 -10.00
N PHE B 7 13.10 1.52 -9.00
CA PHE B 7 12.65 2.35 -7.89
C PHE B 7 12.91 1.63 -6.57
N ILE B 8 13.82 2.18 -5.76
CA ILE B 8 14.07 1.67 -4.44
C ILE B 8 13.29 2.51 -3.43
N LEU B 9 12.35 1.88 -2.74
CA LEU B 9 11.57 2.57 -1.72
C LEU B 9 11.69 1.88 -0.37
N PRO B 10 11.39 2.61 0.72
CA PRO B 10 11.63 2.08 2.06
C PRO B 10 10.60 1.07 2.52
N ASP B 11 9.36 1.21 2.05
CA ASP B 11 8.27 0.42 2.62
C ASP B 11 7.12 0.25 1.65
N LEU B 12 6.92 -0.97 1.20
CA LEU B 12 5.86 -1.30 0.26
C LEU B 12 4.48 -1.04 0.85
N GLU B 13 4.37 -1.08 2.18
CA GLU B 13 3.09 -0.91 2.84
C GLU B 13 2.71 0.56 3.06
N ASN B 14 3.67 1.45 2.88
CA ASN B 14 3.38 2.89 2.93
C ASN B 14 2.61 3.30 1.68
N PRO B 15 1.34 3.70 1.85
CA PRO B 15 0.44 3.99 0.73
C PRO B 15 0.94 5.11 -0.19
N SER B 16 1.72 6.04 0.36
CA SER B 16 2.26 7.13 -0.44
C SER B 16 3.32 6.64 -1.42
N TYR B 17 4.19 5.77 -0.96
CA TYR B 17 5.18 5.18 -1.85
C TYR B 17 4.52 4.31 -2.93
N ALA B 18 3.50 3.57 -2.54
CA ALA B 18 2.75 2.74 -3.49
C ALA B 18 2.08 3.59 -4.56
N ARG B 19 1.46 4.69 -4.14
CA ARG B 19 0.80 5.59 -5.06
C ARG B 19 1.81 6.21 -6.03
N ILE B 20 2.94 6.69 -5.50
CA ILE B 20 3.98 7.24 -6.33
C ILE B 20 4.52 6.19 -7.29
N ALA B 21 4.80 5.00 -6.76
CA ALA B 21 5.30 3.90 -7.59
C ALA B 21 4.33 3.57 -8.72
N LYS B 22 3.03 3.64 -8.42
CA LYS B 22 2.01 3.36 -9.42
C LYS B 22 1.95 4.46 -10.47
N GLN B 23 2.04 5.71 -10.03
CA GLN B 23 2.03 6.85 -10.95
C GLN B 23 3.28 6.86 -11.82
N LEU B 24 4.42 6.47 -11.25
CA LEU B 24 5.64 6.35 -12.02
C LEU B 24 5.50 5.28 -13.09
N GLU B 25 4.99 4.12 -12.70
CA GLU B 25 4.89 2.99 -13.63
C GLU B 25 3.98 3.32 -14.82
N GLN B 26 2.89 4.04 -14.55
CA GLN B 26 1.95 4.44 -15.59
C GLN B 26 2.60 5.40 -16.58
N GLY B 27 3.21 6.47 -16.05
CA GLY B 27 3.88 7.44 -16.88
C GLY B 27 5.02 6.84 -17.66
N ALA B 28 5.77 5.96 -17.03
CA ALA B 28 6.89 5.30 -17.68
C ALA B 28 6.41 4.45 -18.85
N ARG B 29 5.33 3.72 -18.62
CA ARG B 29 4.76 2.84 -19.63
C ARG B 29 4.38 3.61 -20.90
N ALA B 30 3.78 4.78 -20.72
CA ALA B 30 3.40 5.62 -21.86
C ALA B 30 4.62 6.08 -22.65
N ARG B 31 5.78 6.10 -21.99
CA ARG B 31 7.01 6.52 -22.64
C ARG B 31 7.83 5.36 -23.18
N GLY B 32 7.34 4.13 -22.95
CA GLY B 32 8.03 2.95 -23.45
C GLY B 32 9.01 2.34 -22.46
N TYR B 33 8.88 2.70 -21.19
CA TYR B 33 9.75 2.15 -20.14
C TYR B 33 8.96 1.27 -19.17
N GLN B 34 9.60 0.23 -18.66
CA GLN B 34 9.02 -0.59 -17.60
C GLN B 34 9.64 -0.19 -16.26
N LEU B 35 8.86 -0.28 -15.19
CA LEU B 35 9.36 0.05 -13.86
C LEU B 35 9.55 -1.21 -13.01
N LEU B 36 10.75 -1.37 -12.44
CA LEU B 36 10.99 -2.44 -11.48
C LEU B 36 11.13 -1.84 -10.09
N ILE B 37 10.36 -2.38 -9.16
CA ILE B 37 10.29 -1.85 -7.81
C ILE B 37 10.96 -2.82 -6.82
N ALA B 38 11.68 -2.26 -5.86
CA ALA B 38 12.30 -3.04 -4.82
C ALA B 38 12.22 -2.28 -3.52
N SER B 39 12.13 -3.01 -2.41
CA SER B 39 12.00 -2.39 -1.09
C SER B 39 13.20 -2.67 -0.20
N SER B 40 13.75 -1.60 0.38
CA SER B 40 14.89 -1.67 1.28
C SER B 40 14.44 -2.00 2.69
N ASP B 41 13.15 -1.80 2.96
CA ASP B 41 12.63 -1.94 4.31
C ASP B 41 13.30 -0.94 5.25
N ASP B 42 13.77 0.18 4.68
CA ASP B 42 14.45 1.21 5.46
C ASP B 42 15.71 0.69 6.16
N GLN B 43 16.25 -0.43 5.68
CA GLN B 43 17.49 -0.97 6.22
C GLN B 43 18.65 -0.69 5.26
N PRO B 44 19.68 0.01 5.73
CA PRO B 44 20.83 0.42 4.92
C PRO B 44 21.52 -0.71 4.18
N ASP B 45 21.61 -1.90 4.79
CA ASP B 45 22.29 -3.01 4.13
C ASP B 45 21.45 -3.61 3.01
N SER B 46 20.14 -3.61 3.20
CA SER B 46 19.23 -4.07 2.15
C SER B 46 19.29 -3.13 0.96
N GLU B 47 19.36 -1.83 1.24
CA GLU B 47 19.41 -0.86 0.16
C GLU B 47 20.67 -1.01 -0.66
N ARG B 48 21.80 -1.25 0.01
CA ARG B 48 23.05 -1.44 -0.69
C ARG B 48 23.01 -2.70 -1.56
N GLN B 49 22.33 -3.73 -1.08
CA GLN B 49 22.09 -4.93 -1.89
C GLN B 49 21.28 -4.60 -3.15
N LEU B 50 20.30 -3.72 -3.01
CA LEU B 50 19.45 -3.35 -4.14
C LEU B 50 20.21 -2.48 -5.13
N GLN B 51 21.13 -1.66 -4.63
CA GLN B 51 22.00 -0.86 -5.49
C GLN B 51 22.72 -1.76 -6.49
N GLN B 52 23.38 -2.79 -5.98
CA GLN B 52 24.14 -3.71 -6.82
C GLN B 52 23.22 -4.40 -7.81
N LEU B 53 22.00 -4.68 -7.36
CA LEU B 53 21.01 -5.35 -8.20
C LEU B 53 20.64 -4.49 -9.39
N PHE B 54 20.28 -3.24 -9.13
CA PHE B 54 19.85 -2.34 -10.20
C PHE B 54 20.99 -1.91 -11.12
N ARG B 55 22.22 -2.01 -10.63
CA ARG B 55 23.38 -1.73 -11.45
C ARG B 55 23.64 -2.88 -12.44
N ALA B 56 23.64 -4.11 -11.93
CA ALA B 56 23.82 -5.28 -12.78
C ALA B 56 22.66 -5.43 -13.75
N ARG B 57 21.46 -5.10 -13.28
CA ARG B 57 20.26 -5.13 -14.11
C ARG B 57 20.38 -4.14 -15.27
N ARG B 58 21.24 -3.14 -15.09
CA ARG B 58 21.45 -2.11 -16.10
C ARG B 58 20.21 -1.26 -16.37
N CYS B 59 19.49 -0.87 -15.33
CA CYS B 59 18.35 0.03 -15.50
CA CYS B 59 18.35 0.03 -15.51
C CYS B 59 18.83 1.38 -16.05
N ASP B 60 18.00 2.02 -16.88
CA ASP B 60 18.40 3.27 -17.51
C ASP B 60 18.46 4.43 -16.53
N ALA B 61 17.67 4.35 -15.47
CA ALA B 61 17.72 5.33 -14.40
C ALA B 61 17.19 4.72 -13.11
N LEU B 62 17.57 5.29 -11.99
CA LEU B 62 17.17 4.76 -10.69
C LEU B 62 16.50 5.83 -9.85
N PHE B 63 15.25 5.59 -9.49
CA PHE B 63 14.55 6.42 -8.52
C PHE B 63 14.83 5.84 -7.15
N VAL B 64 15.00 6.69 -6.15
CA VAL B 64 15.30 6.18 -4.82
C VAL B 64 14.85 7.08 -3.68
N ALA B 65 14.20 6.47 -2.70
CA ALA B 65 13.95 7.10 -1.41
C ALA B 65 14.89 6.40 -0.43
N SER B 66 16.04 7.02 -0.20
CA SER B 66 17.15 6.36 0.47
C SER B 66 17.03 6.36 1.99
N CYS B 67 17.66 5.38 2.63
CA CYS B 67 17.75 5.35 4.08
C CYS B 67 19.22 5.43 4.53
N LEU B 68 20.12 5.67 3.57
CA LEU B 68 21.55 5.71 3.85
C LEU B 68 21.99 7.02 4.51
N PRO B 69 23.14 6.99 5.21
CA PRO B 69 23.73 8.21 5.79
C PRO B 69 24.27 9.11 4.69
N PRO B 70 24.25 10.43 4.89
CA PRO B 70 24.73 11.38 3.88
C PRO B 70 26.23 11.21 3.64
N GLU B 71 26.92 10.64 4.63
CA GLU B 71 28.35 10.38 4.53
C GLU B 71 28.61 9.29 3.49
N ASP B 72 27.61 8.43 3.30
CA ASP B 72 27.71 7.36 2.32
C ASP B 72 27.76 7.96 0.92
N ASP B 73 28.69 7.48 0.09
CA ASP B 73 28.85 8.04 -1.25
C ASP B 73 28.64 6.99 -2.33
N SER B 74 27.85 5.97 -2.00
CA SER B 74 27.54 4.91 -2.94
C SER B 74 26.83 5.41 -4.20
N TYR B 75 25.88 6.31 -4.04
CA TYR B 75 25.17 6.83 -5.21
C TYR B 75 26.04 7.72 -6.09
N ARG B 76 27.03 8.36 -5.48
CA ARG B 76 28.01 9.12 -6.25
C ARG B 76 28.80 8.18 -7.17
N GLU B 77 29.14 7.00 -6.67
CA GLU B 77 29.86 6.01 -7.48
C GLU B 77 29.03 5.60 -8.70
N LEU B 78 27.76 5.31 -8.47
CA LEU B 78 26.86 4.88 -9.54
C LEU B 78 26.70 5.99 -10.59
N GLN B 79 26.53 7.21 -10.10
CA GLN B 79 26.38 8.38 -10.97
C GLN B 79 27.62 8.61 -11.83
N ASP B 80 28.79 8.43 -11.23
CA ASP B 80 30.05 8.62 -11.95
C ASP B 80 30.20 7.58 -13.06
N LYS B 81 29.54 6.44 -12.89
CA LYS B 81 29.57 5.38 -13.90
C LYS B 81 28.46 5.54 -14.94
N GLY B 82 27.74 6.65 -14.88
CA GLY B 82 26.79 7.00 -15.91
C GLY B 82 25.32 6.73 -15.61
N LEU B 83 25.02 6.28 -14.40
CA LEU B 83 23.63 6.03 -14.01
C LEU B 83 22.95 7.29 -13.48
N PRO B 84 21.85 7.72 -14.12
CA PRO B 84 21.04 8.81 -13.60
C PRO B 84 20.32 8.38 -12.33
N VAL B 85 20.51 9.15 -11.26
CA VAL B 85 19.85 8.85 -9.98
C VAL B 85 18.90 9.99 -9.62
N ILE B 86 17.62 9.66 -9.49
CA ILE B 86 16.62 10.66 -9.12
C ILE B 86 16.05 10.34 -7.74
N ALA B 87 16.30 11.23 -6.77
CA ALA B 87 15.77 11.03 -5.43
C ALA B 87 14.28 11.36 -5.40
N ILE B 88 13.53 10.61 -4.60
CA ILE B 88 12.10 10.85 -4.43
C ILE B 88 11.75 10.89 -2.95
N ASP B 89 11.03 11.93 -2.55
CA ASP B 89 10.57 12.10 -1.17
C ASP B 89 11.69 12.41 -0.19
N ARG B 90 12.74 11.60 -0.20
CA ARG B 90 13.90 11.86 0.63
C ARG B 90 15.06 12.38 -0.23
N ARG B 91 15.45 13.62 0.00
CA ARG B 91 16.43 14.28 -0.85
C ARG B 91 17.80 13.62 -0.78
N LEU B 92 18.52 13.64 -1.90
CA LEU B 92 19.94 13.36 -1.87
C LEU B 92 20.70 14.68 -1.97
N ASP B 93 22.03 14.64 -1.89
CA ASP B 93 22.86 15.83 -1.84
C ASP B 93 22.50 16.83 -2.96
N PRO B 94 22.02 18.03 -2.57
CA PRO B 94 21.57 19.05 -3.53
C PRO B 94 22.70 19.54 -4.45
N ALA B 95 23.94 19.25 -4.08
CA ALA B 95 25.09 19.66 -4.89
C ALA B 95 25.40 18.67 -6.01
N HIS B 96 24.80 17.48 -5.97
CA HIS B 96 25.16 16.44 -6.92
C HIS B 96 23.98 15.67 -7.53
N PHE B 97 22.84 15.67 -6.86
CA PHE B 97 21.70 14.87 -7.28
C PHE B 97 20.44 15.71 -7.51
N CYS B 98 19.62 15.25 -8.44
CA CYS B 98 18.28 15.78 -8.62
C CYS B 98 17.32 15.09 -7.65
N SER B 99 16.56 15.87 -6.88
CA SER B 99 15.59 15.30 -5.95
C SER B 99 14.21 15.90 -6.15
N VAL B 100 13.18 15.06 -6.09
CA VAL B 100 11.81 15.57 -6.10
C VAL B 100 11.16 15.22 -4.76
N ILE B 101 10.73 16.24 -4.04
CA ILE B 101 10.23 16.06 -2.68
C ILE B 101 9.02 16.92 -2.39
N SER B 102 8.42 16.73 -1.22
CA SER B 102 7.34 17.60 -0.77
C SER B 102 7.91 18.73 0.07
N ASP B 103 7.21 19.86 0.08
CA ASP B 103 7.65 21.02 0.88
C ASP B 103 7.30 20.79 2.35
N ASP B 104 8.06 19.91 2.99
CA ASP B 104 7.71 19.40 4.31
C ASP B 104 7.79 20.41 5.45
N ARG B 105 8.81 21.26 5.43
CA ARG B 105 9.00 22.21 6.52
C ARG B 105 7.80 23.14 6.65
N ASP B 106 7.38 23.71 5.54
CA ASP B 106 6.24 24.62 5.54
C ASP B 106 4.93 23.88 5.86
N ALA B 107 4.83 22.64 5.41
CA ALA B 107 3.66 21.82 5.68
C ALA B 107 3.54 21.57 7.17
N SER B 108 4.69 21.33 7.80
CA SER B 108 4.75 21.06 9.23
C SER B 108 4.43 22.31 10.05
N ARG B 109 4.87 23.46 9.55
CA ARG B 109 4.60 24.70 10.26
C ARG B 109 3.12 24.99 10.29
N GLN B 110 2.46 24.87 9.14
CA GLN B 110 1.03 25.08 9.04
C GLN B 110 0.26 24.05 9.87
N LEU B 111 0.72 22.81 9.84
CA LEU B 111 0.05 21.73 10.56
C LEU B 111 0.02 22.03 12.06
N ALA B 112 1.18 22.38 12.61
CA ALA B 112 1.28 22.69 14.03
C ALA B 112 0.49 23.94 14.38
N ALA B 113 0.58 24.96 13.54
CA ALA B 113 -0.13 26.21 13.76
C ALA B 113 -1.65 25.98 13.80
N SER B 114 -2.12 25.01 13.03
CA SER B 114 -3.55 24.73 12.97
C SER B 114 -4.06 24.15 14.29
N LEU B 115 -3.17 23.50 15.05
CA LEU B 115 -3.52 22.97 16.35
C LEU B 115 -3.39 24.05 17.43
N LEU B 116 -2.39 24.92 17.26
CA LEU B 116 -2.11 25.99 18.21
C LEU B 116 -3.28 26.95 18.38
N SER B 117 -4.24 26.90 17.47
CA SER B 117 -5.38 27.80 17.52
C SER B 117 -6.23 27.59 18.78
N SER B 118 -6.33 26.34 19.21
CA SER B 118 -7.16 26.00 20.36
C SER B 118 -6.50 26.36 21.70
N ALA B 119 -5.34 27.01 21.63
CA ALA B 119 -4.59 27.37 22.82
C ALA B 119 -4.31 26.15 23.70
N PRO B 120 -3.61 25.16 23.14
CA PRO B 120 -3.27 23.95 23.91
C PRO B 120 -2.28 24.26 25.03
N ARG B 121 -2.39 23.53 26.14
CA ARG B 121 -1.51 23.73 27.27
C ARG B 121 -0.20 22.95 27.05
N SER B 122 -0.28 21.93 26.22
CA SER B 122 0.86 21.09 25.90
C SER B 122 0.75 20.60 24.46
N ILE B 123 1.89 20.52 23.78
CA ILE B 123 1.92 20.04 22.42
C ILE B 123 3.14 19.15 22.22
N ALA B 124 2.98 18.10 21.42
CA ALA B 124 4.08 17.16 21.20
C ALA B 124 4.27 16.85 19.73
N LEU B 125 5.50 16.46 19.40
CA LEU B 125 5.83 15.97 18.08
C LEU B 125 6.26 14.52 18.20
N ILE B 126 5.65 13.65 17.41
CA ILE B 126 6.08 12.27 17.35
C ILE B 126 6.61 11.99 15.95
N GLY B 127 7.88 11.58 15.88
CA GLY B 127 8.53 11.33 14.62
C GLY B 127 9.47 10.14 14.73
N ALA B 128 10.29 9.95 13.72
CA ALA B 128 11.20 8.80 13.66
C ALA B 128 12.34 9.10 12.70
N ARG B 129 13.43 8.36 12.84
CA ARG B 129 14.59 8.55 11.98
C ARG B 129 15.02 10.00 11.96
N PRO B 130 15.35 10.57 13.13
CA PRO B 130 15.67 11.99 13.25
C PRO B 130 16.86 12.43 12.38
N GLU B 131 17.72 11.49 12.01
CA GLU B 131 18.90 11.83 11.21
C GLU B 131 18.55 12.23 9.78
N LEU B 132 17.43 11.71 9.27
CA LEU B 132 17.02 11.99 7.90
C LEU B 132 16.68 13.46 7.68
N SER B 133 16.94 13.96 6.48
CA SER B 133 16.60 15.35 6.15
C SER B 133 15.10 15.57 6.19
N VAL B 134 14.34 14.55 5.80
CA VAL B 134 12.89 14.68 5.83
C VAL B 134 12.37 14.89 7.27
N SER B 135 12.97 14.17 8.21
CA SER B 135 12.58 14.28 9.60
C SER B 135 13.01 15.61 10.21
N GLN B 136 14.20 16.08 9.83
CA GLN B 136 14.69 17.37 10.33
C GLN B 136 13.82 18.50 9.84
N ALA B 137 13.36 18.38 8.60
CA ALA B 137 12.49 19.40 8.01
C ALA B 137 11.17 19.49 8.76
N ARG B 138 10.56 18.34 9.04
CA ARG B 138 9.27 18.32 9.71
C ARG B 138 9.37 18.77 11.17
N ALA B 139 10.42 18.33 11.86
CA ALA B 139 10.68 18.80 13.21
C ALA B 139 11.00 20.30 13.19
N GLY B 140 11.66 20.74 12.13
CA GLY B 140 12.04 22.13 11.99
C GLY B 140 10.84 23.04 11.83
N GLY B 141 9.90 22.65 10.97
CA GLY B 141 8.68 23.41 10.76
C GLY B 141 7.84 23.46 12.02
N PHE B 142 7.81 22.34 12.73
CA PHE B 142 7.09 22.25 14.00
C PHE B 142 7.63 23.26 15.02
N ASP B 143 8.96 23.33 15.16
CA ASP B 143 9.57 24.29 16.06
C ASP B 143 9.26 25.73 15.65
N GLU B 144 9.33 25.99 14.36
CA GLU B 144 9.10 27.33 13.82
C GLU B 144 7.73 27.88 14.21
N ALA B 145 6.72 27.02 14.22
CA ALA B 145 5.36 27.43 14.58
C ALA B 145 5.22 27.62 16.08
N LEU B 146 6.21 27.16 16.83
CA LEU B 146 6.17 27.24 18.30
C LEU B 146 6.76 28.53 18.84
N GLN B 147 7.32 29.35 17.98
CA GLN B 147 7.85 30.65 18.41
C GLN B 147 6.76 31.43 19.15
N GLY B 148 7.09 31.87 20.35
CA GLY B 148 6.14 32.61 21.17
C GLY B 148 5.18 31.74 21.96
N TYR B 149 5.38 30.42 21.91
CA TYR B 149 4.55 29.48 22.67
C TYR B 149 5.10 29.28 24.07
N THR B 150 4.21 29.32 25.06
CA THR B 150 4.62 29.28 26.47
C THR B 150 4.23 27.98 27.18
N GLY B 151 3.57 27.08 26.46
CA GLY B 151 3.12 25.81 27.03
C GLY B 151 4.20 24.74 27.12
N GLU B 152 3.78 23.53 27.44
CA GLU B 152 4.69 22.38 27.48
C GLU B 152 4.91 21.86 26.07
N VAL B 153 6.17 21.66 25.70
CA VAL B 153 6.49 21.07 24.39
C VAL B 153 7.34 19.83 24.56
N ARG B 154 6.97 18.76 23.88
CA ARG B 154 7.74 17.52 23.92
C ARG B 154 8.00 17.04 22.50
N ARG B 155 9.19 16.51 22.27
CA ARG B 155 9.53 15.93 20.97
C ARG B 155 10.04 14.52 21.18
N TYR B 156 9.39 13.57 20.51
CA TYR B 156 9.79 12.18 20.59
C TYR B 156 10.02 11.64 19.19
N GLN B 157 11.25 11.23 18.93
CA GLN B 157 11.61 10.75 17.59
C GLN B 157 12.22 9.35 17.69
N GLY B 158 11.47 8.37 17.23
CA GLY B 158 11.84 6.98 17.36
C GLY B 158 12.79 6.46 16.31
N GLU B 159 12.90 5.12 16.26
CA GLU B 159 13.89 4.44 15.45
C GLU B 159 13.39 4.02 14.07
N ALA B 160 12.08 4.06 13.87
CA ALA B 160 11.50 3.62 12.60
C ALA B 160 10.13 4.24 12.32
N PHE B 161 9.82 4.40 11.04
CA PHE B 161 8.47 4.79 10.65
C PHE B 161 7.58 3.55 10.65
N SER B 162 7.14 3.16 11.83
CA SER B 162 6.31 1.97 11.98
C SER B 162 5.20 2.20 12.98
N ARG B 163 4.17 1.37 12.87
CA ARG B 163 3.03 1.43 13.77
C ARG B 163 3.47 1.20 15.22
N GLU B 164 4.26 0.16 15.44
CA GLU B 164 4.71 -0.16 16.80
C GLU B 164 5.59 0.92 17.41
N CYS B 165 6.36 1.61 16.57
CA CYS B 165 7.19 2.72 17.06
C CYS B 165 6.29 3.86 17.53
N GLY B 166 5.26 4.16 16.75
CA GLY B 166 4.30 5.18 17.12
C GLY B 166 3.59 4.83 18.42
N GLN B 167 3.23 3.56 18.57
CA GLN B 167 2.60 3.10 19.79
C GLN B 167 3.53 3.26 20.99
N ARG B 168 4.80 2.89 20.82
CA ARG B 168 5.77 2.99 21.90
C ARG B 168 6.00 4.44 22.32
N LEU B 169 6.14 5.33 21.34
CA LEU B 169 6.38 6.74 21.61
C LEU B 169 5.19 7.43 22.28
N GLN B 171 3.03 5.99 24.23
CA GLN B 171 3.05 5.52 25.61
C GLN B 171 4.06 6.30 26.44
N GLN B 172 5.28 6.39 25.91
CA GLN B 172 6.36 7.10 26.59
C GLN B 172 5.96 8.55 26.85
N LEU B 173 5.27 9.14 25.88
CA LEU B 173 4.77 10.51 26.00
C LEU B 173 3.74 10.63 27.11
N ILE B 174 2.73 9.77 27.07
CA ILE B 174 1.68 9.76 28.08
C ILE B 174 2.27 9.53 29.47
N ASP B 175 3.18 8.56 29.56
CA ASP B 175 3.82 8.26 30.83
C ASP B 175 4.63 9.45 31.34
N ASP B 176 5.14 10.27 30.41
CA ASP B 176 5.99 11.41 30.78
C ASP B 176 5.21 12.68 31.13
N LEU B 177 4.02 12.85 30.56
CA LEU B 177 3.17 13.99 30.86
C LEU B 177 2.20 13.68 32.00
N GLY B 178 1.97 12.39 32.23
CA GLY B 178 0.97 11.98 33.21
C GLY B 178 -0.42 12.01 32.58
N GLY B 179 -0.47 12.08 31.26
CA GLY B 179 -1.72 12.11 30.53
C GLY B 179 -1.51 12.49 29.07
N LEU B 180 -2.60 12.64 28.34
CA LEU B 180 -2.52 13.06 26.94
C LEU B 180 -2.06 14.51 26.85
N PRO B 181 -1.34 14.85 25.78
CA PRO B 181 -1.04 16.26 25.50
C PRO B 181 -2.29 16.90 24.92
N ASP B 182 -2.40 18.23 24.99
CA ASP B 182 -3.55 18.90 24.41
C ASP B 182 -3.54 18.80 22.90
N ALA B 183 -2.35 18.69 22.32
CA ALA B 183 -2.19 18.66 20.87
C ALA B 183 -1.02 17.79 20.46
N LEU B 184 -1.13 17.16 19.29
CA LEU B 184 -0.10 16.23 18.83
C LEU B 184 0.05 16.26 17.32
N VAL B 185 1.30 16.32 16.87
CA VAL B 185 1.62 16.19 15.46
C VAL B 185 2.45 14.94 15.24
N THR B 186 2.04 14.10 14.30
CA THR B 186 2.86 12.96 13.88
C THR B 186 3.44 13.25 12.49
N THR B 187 4.70 12.91 12.30
CA THR B 187 5.38 13.22 11.05
C THR B 187 5.08 12.20 9.95
N SER B 188 4.27 11.21 10.27
CA SER B 188 3.95 10.15 9.33
C SER B 188 2.68 9.43 9.74
N TYR B 189 1.83 9.11 8.76
CA TYR B 189 0.57 8.45 9.05
C TYR B 189 0.76 7.12 9.78
N VAL B 190 1.81 6.38 9.43
CA VAL B 190 2.03 5.09 10.06
C VAL B 190 2.32 5.25 11.55
N LEU B 191 2.95 6.36 11.92
CA LEU B 191 3.18 6.66 13.33
C LEU B 191 1.87 6.97 14.02
N LEU B 192 0.98 7.69 13.32
CA LEU B 192 -0.35 7.99 13.86
C LEU B 192 -1.12 6.70 14.17
N GLN B 193 -0.90 5.67 13.34
CA GLN B 193 -1.58 4.40 13.55
C GLN B 193 -1.23 3.80 14.89
N GLY B 194 0.04 3.93 15.29
CA GLY B 194 0.48 3.45 16.58
C GLY B 194 -0.14 4.28 17.69
N VAL B 195 -0.25 5.58 17.44
CA VAL B 195 -0.90 6.48 18.38
C VAL B 195 -2.33 6.01 18.62
N PHE B 196 -3.04 5.67 17.56
CA PHE B 196 -4.41 5.18 17.68
C PHE B 196 -4.48 3.91 18.51
N ASP B 197 -3.48 3.05 18.38
CA ASP B 197 -3.44 1.82 19.16
C ASP B 197 -3.36 2.15 20.65
N THR B 198 -2.50 3.11 20.97
CA THR B 198 -2.32 3.51 22.36
C THR B 198 -3.61 4.12 22.90
N LEU B 199 -4.22 5.01 22.12
CA LEU B 199 -5.46 5.65 22.51
C LEU B 199 -6.57 4.63 22.77
N GLN B 200 -6.62 3.61 21.93
CA GLN B 200 -7.67 2.59 22.05
C GLN B 200 -7.54 1.77 23.32
N ALA B 201 -6.31 1.59 23.79
CA ALA B 201 -6.08 0.84 25.02
C ALA B 201 -6.61 1.61 26.23
N ARG B 202 -6.64 2.94 26.13
CA ARG B 202 -7.18 3.77 27.19
C ARG B 202 -8.71 3.73 27.19
N PRO B 203 -9.32 4.05 28.34
CA PRO B 203 -10.78 4.17 28.42
C PRO B 203 -11.33 5.16 27.40
N VAL B 204 -12.58 4.98 27.00
CA VAL B 204 -13.18 5.75 25.92
C VAL B 204 -13.12 7.27 26.11
N ASP B 205 -13.21 7.71 27.36
CA ASP B 205 -13.37 9.13 27.67
C ASP B 205 -12.06 9.91 27.79
N SER B 206 -10.94 9.23 27.64
CA SER B 206 -9.64 9.91 27.63
C SER B 206 -8.96 9.70 26.29
N ARG B 207 -9.43 10.44 25.27
CA ARG B 207 -8.96 10.27 23.90
C ARG B 207 -9.26 11.49 23.03
N GLN B 208 -9.32 12.66 23.65
CA GLN B 208 -9.81 13.86 22.96
C GLN B 208 -8.78 14.97 22.75
N LEU B 209 -7.64 14.62 22.15
CA LEU B 209 -6.62 15.61 21.80
C LEU B 209 -6.81 16.22 20.41
N GLN B 210 -6.13 17.33 20.18
CA GLN B 210 -6.03 17.92 18.84
C GLN B 210 -4.97 17.16 18.05
N LEU B 211 -5.36 16.59 16.91
CA LEU B 211 -4.44 15.74 16.14
C LEU B 211 -4.12 16.29 14.76
N GLY B 212 -2.84 16.18 14.38
CA GLY B 212 -2.39 16.55 13.06
C GLY B 212 -1.31 15.59 12.59
N THR B 213 -1.31 15.27 11.31
CA THR B 213 -0.37 14.28 10.78
C THR B 213 0.04 14.59 9.34
N PHE B 214 1.19 14.05 8.95
CA PHE B 214 1.58 14.01 7.55
C PHE B 214 0.95 12.78 6.92
N GLY B 215 0.64 12.88 5.64
CA GLY B 215 -0.09 11.82 4.98
C GLY B 215 -1.55 11.90 5.34
N ASP B 216 -2.36 11.03 4.76
CA ASP B 216 -3.79 11.08 4.97
C ASP B 216 -4.37 9.70 4.75
N ASN B 217 -5.63 9.52 5.14
CA ASN B 217 -6.27 8.24 5.04
C ASN B 217 -7.78 8.43 4.98
N GLN B 218 -8.41 7.74 4.05
CA GLN B 218 -9.83 7.89 3.80
C GLN B 218 -10.67 7.76 5.07
N LEU B 219 -10.33 6.78 5.90
CA LEU B 219 -11.16 6.47 7.06
C LEU B 219 -11.11 7.55 8.14
N LEU B 220 -10.18 8.49 7.99
CA LEU B 220 -10.13 9.66 8.86
C LEU B 220 -11.41 10.48 8.73
N ASP B 221 -12.09 10.35 7.60
CA ASP B 221 -13.35 11.06 7.37
C ASP B 221 -14.47 10.53 8.27
N PHE B 222 -14.29 9.33 8.79
CA PHE B 222 -15.31 8.67 9.60
C PHE B 222 -14.96 8.66 11.09
N LEU B 223 -13.75 9.08 11.42
CA LEU B 223 -13.33 9.18 12.81
C LEU B 223 -14.10 10.27 13.54
N PRO B 224 -14.60 9.95 14.75
CA PRO B 224 -15.21 10.97 15.61
C PRO B 224 -14.16 11.98 16.01
N LEU B 225 -12.94 11.50 16.23
CA LEU B 225 -11.79 12.34 16.51
C LEU B 225 -11.25 12.91 15.21
N PRO B 226 -11.42 14.23 15.00
CA PRO B 226 -10.99 14.87 13.76
C PRO B 226 -9.47 15.00 13.69
N VAL B 227 -8.90 14.69 12.52
CA VAL B 227 -7.46 14.77 12.33
C VAL B 227 -7.11 15.62 11.11
N ASN B 228 -6.32 16.68 11.32
CA ASN B 228 -5.80 17.46 10.22
C ASN B 228 -4.64 16.74 9.54
N ALA B 229 -4.63 16.73 8.21
CA ALA B 229 -3.64 15.97 7.46
C ALA B 229 -3.02 16.75 6.31
N ALA B 231 -1.31 15.99 2.94
CA ALA B 231 -1.08 14.91 1.97
C ALA B 231 -0.16 15.34 0.81
N GLN B 232 0.64 14.38 0.32
CA GLN B 232 1.49 14.61 -0.84
C GLN B 232 0.65 14.71 -2.10
N GLN B 233 1.09 15.53 -3.05
CA GLN B 233 0.53 15.49 -4.40
C GLN B 233 1.31 14.41 -5.18
N HIS B 234 0.92 13.17 -4.98
CA HIS B 234 1.67 12.02 -5.50
C HIS B 234 1.81 12.06 -7.02
N GLY B 235 0.75 12.47 -7.70
CA GLY B 235 0.76 12.54 -9.15
C GLY B 235 1.81 13.50 -9.66
N GLN B 236 1.91 14.67 -9.03
CA GLN B 236 2.87 15.69 -9.46
C GLN B 236 4.31 15.27 -9.11
N ILE B 237 4.49 14.66 -7.95
CA ILE B 237 5.80 14.14 -7.56
C ILE B 237 6.33 13.18 -8.64
N ALA B 238 5.50 12.20 -8.99
CA ALA B 238 5.90 11.19 -9.98
C ALA B 238 6.15 11.78 -11.35
N ALA B 239 5.27 12.70 -11.77
CA ALA B 239 5.38 13.31 -13.09
C ALA B 239 6.67 14.12 -13.21
N THR B 240 7.02 14.84 -12.15
CA THR B 240 8.24 15.62 -12.12
C THR B 240 9.47 14.72 -12.16
N ALA B 241 9.47 13.70 -11.30
CA ALA B 241 10.59 12.78 -11.22
C ALA B 241 10.83 12.06 -12.54
N LEU B 242 9.75 11.63 -13.17
CA LEU B 242 9.85 10.88 -14.42
C LEU B 242 10.44 11.75 -15.52
N GLU B 243 9.93 12.96 -15.65
CA GLU B 243 10.42 13.88 -16.66
C GLU B 243 11.91 14.18 -16.45
N LEU B 244 12.31 14.29 -15.19
CA LEU B 244 13.73 14.50 -14.87
C LEU B 244 14.55 13.28 -15.27
N ALA B 245 14.00 12.09 -15.02
CA ALA B 245 14.68 10.85 -15.39
C ALA B 245 14.87 10.75 -16.91
N LEU B 246 13.80 11.01 -17.64
CA LEU B 246 13.83 10.89 -19.10
C LEU B 246 14.72 11.93 -19.77
N ALA B 247 14.83 13.11 -19.15
CA ALA B 247 15.69 14.16 -19.70
C ALA B 247 17.16 13.76 -19.57
N ALA B 248 17.49 13.10 -18.47
CA ALA B 248 18.84 12.60 -18.25
C ALA B 248 19.16 11.45 -19.21
N ILE B 249 18.16 10.60 -19.46
CA ILE B 249 18.36 9.46 -20.35
C ILE B 249 18.37 9.85 -21.83
N GLU B 250 17.38 10.62 -22.24
CA GLU B 250 17.18 10.91 -23.66
C GLU B 250 17.84 12.19 -24.15
N GLU B 251 18.01 13.17 -23.27
CA GLU B 251 18.64 14.43 -23.66
C GLU B 251 19.98 14.65 -22.96
N LYS B 252 20.34 13.72 -22.08
CA LYS B 252 21.58 13.82 -21.32
C LYS B 252 21.62 15.09 -20.47
N ARG B 253 20.44 15.63 -20.17
CA ARG B 253 20.30 16.75 -19.25
C ARG B 253 20.15 16.25 -17.81
N TYR B 254 20.99 16.77 -16.92
CA TYR B 254 20.89 16.43 -15.50
C TYR B 254 21.47 17.57 -14.67
N GLU B 255 20.61 18.30 -13.97
CA GLU B 255 21.06 19.37 -13.10
C GLU B 255 20.75 19.05 -11.64
N PRO B 256 21.78 19.03 -10.79
CA PRO B 256 21.56 18.77 -9.37
C PRO B 256 20.63 19.84 -8.78
N GLY B 257 19.80 19.44 -7.81
CA GLY B 257 18.91 20.39 -7.18
C GLY B 257 17.65 19.74 -6.66
N VAL B 258 17.02 20.40 -5.70
CA VAL B 258 15.78 19.90 -5.10
C VAL B 258 14.55 20.54 -5.76
N HIS B 259 13.60 19.71 -6.15
CA HIS B 259 12.32 20.20 -6.66
C HIS B 259 11.24 19.90 -5.63
N ALA B 260 10.67 20.93 -5.04
CA ALA B 260 9.71 20.76 -3.96
C ALA B 260 8.27 20.95 -4.44
N VAL B 261 7.42 20.01 -4.07
CA VAL B 261 5.99 20.11 -4.39
C VAL B 261 5.20 20.33 -3.12
N GLY B 262 4.29 21.31 -3.14
CA GLY B 262 3.46 21.60 -1.98
C GLY B 262 2.58 20.43 -1.60
N ARG B 263 2.32 20.30 -0.31
CA ARG B 263 1.34 19.33 0.19
C ARG B 263 -0.04 19.98 0.23
N THR B 264 -1.09 19.17 0.12
CA THR B 264 -2.45 19.69 0.24
C THR B 264 -2.93 19.56 1.68
N PHE B 265 -3.59 20.61 2.18
CA PHE B 265 -4.05 20.63 3.56
C PHE B 265 -5.47 20.07 3.65
N LYS B 266 -5.63 18.99 4.41
CA LYS B 266 -6.94 18.42 4.67
C LYS B 266 -7.33 18.72 6.11
N GLN B 267 -8.16 19.75 6.29
CA GLN B 267 -8.59 20.15 7.62
C GLN B 267 -9.91 19.50 7.98
N ARG B 268 -9.90 18.80 9.12
CA ARG B 268 -11.10 18.14 9.61
C ARG B 268 -11.47 18.73 10.96
N ILE B 269 -10.57 19.51 11.53
CA ILE B 269 -10.82 20.19 12.80
C ILE B 269 -11.45 21.55 12.55
N SER B 270 -12.68 21.73 13.03
CA SER B 270 -13.42 22.98 12.80
C SER B 270 -12.70 24.18 13.39
N VAL B 271 -12.62 25.25 12.61
CA VAL B 271 -11.89 26.45 13.02
C VAL B 271 -12.77 27.68 12.94
#